data_8G28
#
_entry.id   8G28
#
_cell.length_a   71.532
_cell.length_b   71.532
_cell.length_c   151.435
_cell.angle_alpha   90.000
_cell.angle_beta   90.000
_cell.angle_gamma   120.000
#
_symmetry.space_group_name_H-M   'P 61 2 2'
#
loop_
_entity.id
_entity.type
_entity.pdbx_description
1 polymer 'ATPase, AAA family'
2 non-polymer 'CHLORIDE ION'
3 water water
#
_entity_poly.entity_id   1
_entity_poly.type   'polypeptide(L)'
_entity_poly.pdbx_seq_one_letter_code
;SNA(MSE)PDNLALR(MSE)RPKTIDQVIGQEHLVGPGKIIRR(MSE)VEANRLSS(MSE)ILYGPPGIGKTSIASAIAG
TTKYAFRTFNATVDSKKRLQEISEEAKFSGGLVLLLDEIHRLDKTKQDFLLPLLESGLVI(MSE)IGATTENPFFSVTPA
IRSRVQIFELEPLSNQDVKEALQIALSNPERGFDFPIELDEDALDFIATSTNGDLRSAFNSLDLAVLSTPENDEGIRHIT
LDI(MSE)ENSLQRSYIT(MSE)DKDGDGHYDVLSALQKSIRGSDVDASLHYTARLIEAGDLPSLARRLTVIAYEDIGLA
NPEAQIHTVTALDAAQKIGFPEARILIANVVIDLALSPKSNSAYVA(MSE)DKALADLKTSGHLPIPRHLRDGHYSGSKE
LGNAQDYLYPHNYPGNWVKQDYLPEKIRNHHYFQAEDTGKYERALAQRKEAIDRLRKI
;
_entity_poly.pdbx_strand_id   A,B
#
# COMPACT_ATOMS: atom_id res chain seq x y z
N GLY A 241 -11.69 -18.93 -11.75
CA GLY A 241 -11.12 -17.74 -11.04
C GLY A 241 -11.55 -17.66 -9.59
N HIS A 242 -12.64 -18.35 -9.22
CA HIS A 242 -13.19 -18.34 -7.84
C HIS A 242 -13.42 -16.91 -7.36
N TYR A 243 -13.95 -16.04 -8.22
CA TYR A 243 -14.21 -14.63 -7.82
C TYR A 243 -15.30 -14.58 -6.74
N ASP A 244 -16.22 -15.54 -6.76
CA ASP A 244 -17.25 -15.62 -5.70
C ASP A 244 -16.59 -15.82 -4.33
N VAL A 245 -15.61 -16.72 -4.25
CA VAL A 245 -14.93 -17.01 -2.95
C VAL A 245 -14.04 -15.82 -2.57
N LEU A 246 -13.37 -15.20 -3.55
CA LEU A 246 -12.53 -14.00 -3.24
C LEU A 246 -13.42 -12.87 -2.68
N SER A 247 -14.62 -12.71 -3.24
CA SER A 247 -15.55 -11.66 -2.73
C SER A 247 -15.97 -11.99 -1.30
N ALA A 248 -16.24 -13.28 -1.03
CA ALA A 248 -16.67 -13.69 0.32
C ALA A 248 -15.53 -13.45 1.32
N LEU A 249 -14.31 -13.70 0.89
CA LEU A 249 -13.12 -13.46 1.75
C LEU A 249 -13.04 -11.97 2.10
N GLN A 250 -13.16 -11.10 1.08
CA GLN A 250 -13.09 -9.64 1.36
C GLN A 250 -14.22 -9.23 2.31
N LYS A 251 -15.45 -9.72 2.09
N LYS A 251 -15.44 -9.74 2.06
CA LYS A 251 -16.56 -9.33 3.01
CA LYS A 251 -16.62 -9.41 2.91
C LYS A 251 -16.27 -9.85 4.42
C LYS A 251 -16.34 -9.83 4.36
N SER A 252 -15.71 -11.05 4.53
N SER A 252 -15.74 -11.00 4.57
CA SER A 252 -15.41 -11.67 5.85
CA SER A 252 -15.50 -11.55 5.93
C SER A 252 -14.39 -10.81 6.60
C SER A 252 -14.38 -10.79 6.63
N ILE A 253 -13.34 -10.37 5.89
CA ILE A 253 -12.28 -9.55 6.54
C ILE A 253 -12.84 -8.18 6.89
N ARG A 254 -13.59 -7.57 5.97
CA ARG A 254 -14.23 -6.25 6.25
C ARG A 254 -15.11 -6.34 7.50
N GLY A 255 -15.75 -7.50 7.69
CA GLY A 255 -16.67 -7.70 8.82
C GLY A 255 -15.97 -8.21 10.05
N SER A 256 -14.62 -8.22 10.04
CA SER A 256 -13.84 -8.68 11.22
C SER A 256 -14.33 -10.05 11.68
N ASP A 257 -14.55 -10.97 10.74
CA ASP A 257 -15.07 -12.33 11.00
C ASP A 257 -13.92 -13.30 10.73
N VAL A 258 -13.15 -13.61 11.77
CA VAL A 258 -11.89 -14.36 11.53
C VAL A 258 -12.19 -15.81 11.13
N ASP A 259 -13.21 -16.43 11.71
CA ASP A 259 -13.47 -17.85 11.35
C ASP A 259 -13.97 -17.94 9.89
N ALA A 260 -14.83 -17.03 9.45
CA ALA A 260 -15.30 -17.06 8.05
C ALA A 260 -14.12 -16.73 7.13
N SER A 261 -13.29 -15.76 7.52
CA SER A 261 -12.13 -15.40 6.69
C SER A 261 -11.23 -16.62 6.47
N LEU A 262 -10.96 -17.37 7.54
CA LEU A 262 -10.10 -18.57 7.38
C LEU A 262 -10.80 -19.63 6.53
N HIS A 263 -12.13 -19.76 6.66
CA HIS A 263 -12.88 -20.74 5.83
C HIS A 263 -12.73 -20.40 4.34
N TYR A 264 -12.99 -19.16 3.96
CA TYR A 264 -12.90 -18.81 2.51
C TYR A 264 -11.44 -18.91 2.04
N THR A 265 -10.49 -18.55 2.90
CA THR A 265 -9.07 -18.71 2.54
C THR A 265 -8.78 -20.21 2.32
N ALA A 266 -9.28 -21.07 3.20
CA ALA A 266 -9.04 -22.52 3.06
C ALA A 266 -9.56 -23.01 1.70
N ARG A 267 -10.74 -22.53 1.28
N ARG A 267 -10.75 -22.54 1.30
CA ARG A 267 -11.33 -22.94 -0.02
CA ARG A 267 -11.33 -22.93 -0.02
C ARG A 267 -10.40 -22.51 -1.16
C ARG A 267 -10.36 -22.53 -1.13
N LEU A 268 -9.81 -21.32 -1.06
CA LEU A 268 -8.91 -20.83 -2.14
C LEU A 268 -7.59 -21.60 -2.11
N ILE A 269 -7.09 -21.94 -0.92
CA ILE A 269 -5.83 -22.76 -0.83
C ILE A 269 -6.07 -24.14 -1.47
N GLU A 270 -7.21 -24.78 -1.16
N GLU A 270 -7.22 -24.75 -1.16
CA GLU A 270 -7.50 -26.12 -1.72
CA GLU A 270 -7.59 -26.10 -1.69
C GLU A 270 -7.60 -26.02 -3.26
C GLU A 270 -7.67 -26.03 -3.22
N ALA A 271 -8.15 -24.91 -3.77
CA ALA A 271 -8.26 -24.70 -5.23
C ALA A 271 -6.88 -24.50 -5.85
N GLY A 272 -5.94 -23.91 -5.11
CA GLY A 272 -4.52 -23.85 -5.51
C GLY A 272 -4.07 -22.57 -6.22
N ASP A 273 -4.92 -21.55 -6.37
CA ASP A 273 -4.48 -20.33 -7.12
C ASP A 273 -3.86 -19.35 -6.12
N LEU A 274 -2.57 -19.51 -5.87
CA LEU A 274 -1.85 -18.63 -4.91
C LEU A 274 -1.80 -17.22 -5.46
N PRO A 275 -1.50 -16.99 -6.76
CA PRO A 275 -1.44 -15.61 -7.26
C PRO A 275 -2.71 -14.77 -7.07
N SER A 276 -3.88 -15.34 -7.35
N SER A 276 -3.87 -15.35 -7.37
N SER A 276 -3.86 -15.36 -7.36
CA SER A 276 -5.15 -14.59 -7.22
CA SER A 276 -5.17 -14.65 -7.23
CA SER A 276 -5.17 -14.66 -7.24
C SER A 276 -5.45 -14.31 -5.75
C SER A 276 -5.42 -14.32 -5.76
C SER A 276 -5.44 -14.33 -5.77
N LEU A 277 -5.12 -15.26 -4.87
CA LEU A 277 -5.33 -15.08 -3.42
C LEU A 277 -4.38 -13.98 -2.90
N ALA A 278 -3.11 -14.01 -3.31
CA ALA A 278 -2.13 -12.99 -2.88
C ALA A 278 -2.56 -11.60 -3.38
N ARG A 279 -3.02 -11.52 -4.63
N ARG A 279 -2.98 -11.51 -4.64
CA ARG A 279 -3.46 -10.22 -5.18
CA ARG A 279 -3.37 -10.20 -5.20
C ARG A 279 -4.63 -9.67 -4.36
C ARG A 279 -4.52 -9.61 -4.38
N ARG A 280 -5.66 -10.49 -4.12
N ARG A 280 -5.55 -10.43 -4.11
CA ARG A 280 -6.85 -9.98 -3.40
CA ARG A 280 -6.76 -9.89 -3.44
C ARG A 280 -6.46 -9.55 -1.97
C ARG A 280 -6.45 -9.55 -1.98
N LEU A 281 -5.64 -10.35 -1.28
CA LEU A 281 -5.29 -10.00 0.12
C LEU A 281 -4.47 -8.70 0.14
N THR A 282 -3.63 -8.47 -0.87
CA THR A 282 -2.87 -7.20 -0.95
C THR A 282 -3.86 -6.03 -1.10
N VAL A 283 -4.81 -6.16 -2.01
CA VAL A 283 -5.80 -5.06 -2.19
C VAL A 283 -6.59 -4.85 -0.90
N ILE A 284 -7.06 -5.93 -0.28
CA ILE A 284 -7.83 -5.80 1.00
C ILE A 284 -6.98 -5.03 2.02
N ALA A 285 -5.70 -5.38 2.15
CA ALA A 285 -4.86 -4.70 3.16
C ALA A 285 -4.86 -3.19 2.96
N TYR A 286 -4.76 -2.73 1.71
CA TYR A 286 -4.70 -1.26 1.46
C TYR A 286 -6.07 -0.60 1.37
N GLU A 287 -7.11 -1.34 0.95
CA GLU A 287 -8.46 -0.75 0.74
C GLU A 287 -9.26 -0.74 2.04
N ASP A 288 -9.24 -1.86 2.75
CA ASP A 288 -10.15 -2.08 3.91
C ASP A 288 -9.44 -1.80 5.23
N ILE A 289 -8.15 -2.09 5.35
CA ILE A 289 -7.41 -1.80 6.61
C ILE A 289 -6.82 -0.40 6.46
N GLY A 290 -6.02 -0.20 5.41
CA GLY A 290 -5.51 1.13 5.07
C GLY A 290 -4.83 1.84 6.23
N LEU A 291 -5.13 3.13 6.38
CA LEU A 291 -4.37 4.00 7.29
C LEU A 291 -4.65 3.65 8.75
N ALA A 292 -5.65 2.80 9.03
CA ALA A 292 -5.91 2.43 10.45
C ALA A 292 -4.77 1.56 10.99
N ASN A 293 -4.00 0.90 10.12
CA ASN A 293 -2.94 -0.02 10.62
C ASN A 293 -1.91 -0.23 9.52
N PRO A 294 -1.08 0.78 9.22
N PRO A 294 -0.95 0.70 9.32
CA PRO A 294 -0.13 0.68 8.10
CA PRO A 294 0.04 0.54 8.26
C PRO A 294 0.77 -0.55 8.18
C PRO A 294 0.93 -0.70 8.43
N GLU A 295 1.11 -0.98 9.41
N GLU A 295 1.22 -1.10 9.67
CA GLU A 295 2.02 -2.13 9.59
CA GLU A 295 2.03 -2.33 9.87
C GLU A 295 1.36 -3.41 9.06
C GLU A 295 1.35 -3.50 9.16
N ALA A 296 0.02 -3.48 9.04
CA ALA A 296 -0.66 -4.66 8.44
C ALA A 296 -0.28 -4.76 6.96
N GLN A 297 -0.11 -3.63 6.27
CA GLN A 297 0.30 -3.74 4.84
C GLN A 297 1.74 -4.26 4.74
N ILE A 298 2.63 -3.82 5.61
CA ILE A 298 4.04 -4.33 5.55
C ILE A 298 4.04 -5.84 5.80
N HIS A 299 3.29 -6.28 6.82
N HIS A 299 3.33 -6.27 6.86
CA HIS A 299 3.31 -7.73 7.12
CA HIS A 299 3.21 -7.72 7.18
C HIS A 299 2.61 -8.53 6.00
C HIS A 299 2.67 -8.47 5.97
N THR A 300 1.59 -7.96 5.38
CA THR A 300 0.86 -8.66 4.30
C THR A 300 1.76 -8.81 3.07
N VAL A 301 2.32 -7.70 2.59
CA VAL A 301 3.13 -7.79 1.34
C VAL A 301 4.35 -8.69 1.59
N THR A 302 4.99 -8.56 2.76
CA THR A 302 6.19 -9.38 3.04
C THR A 302 5.81 -10.86 3.01
N ALA A 303 4.72 -11.22 3.70
CA ALA A 303 4.33 -12.64 3.79
C ALA A 303 3.92 -13.17 2.41
N LEU A 304 3.15 -12.38 1.66
CA LEU A 304 2.61 -12.91 0.38
C LEU A 304 3.71 -13.04 -0.67
N ASP A 305 4.66 -12.09 -0.72
CA ASP A 305 5.79 -12.25 -1.67
C ASP A 305 6.59 -13.50 -1.28
N ALA A 306 6.82 -13.71 0.02
CA ALA A 306 7.57 -14.91 0.47
C ALA A 306 6.75 -16.17 0.15
N ALA A 307 5.43 -16.10 0.33
CA ALA A 307 4.56 -17.27 0.09
C ALA A 307 4.63 -17.70 -1.38
N GLN A 308 4.58 -16.73 -2.28
N GLN A 308 4.71 -16.74 -2.29
CA GLN A 308 4.56 -17.05 -3.74
CA GLN A 308 4.80 -17.11 -3.72
C GLN A 308 5.88 -17.71 -4.14
C GLN A 308 6.17 -17.74 -4.01
N LYS A 309 6.95 -17.52 -3.36
N LYS A 309 7.23 -17.24 -3.36
CA LYS A 309 8.25 -18.18 -3.65
CA LYS A 309 8.60 -17.80 -3.58
C LYS A 309 8.25 -19.59 -3.06
C LYS A 309 8.66 -19.25 -3.10
N ILE A 310 7.83 -19.72 -1.79
N ILE A 310 7.86 -19.62 -2.08
CA ILE A 310 7.81 -21.00 -1.04
CA ILE A 310 7.98 -20.99 -1.48
C ILE A 310 6.82 -21.98 -1.68
C ILE A 310 6.89 -21.92 -2.03
N GLY A 311 5.66 -21.49 -2.14
N GLY A 311 5.66 -21.43 -2.20
CA GLY A 311 4.61 -22.31 -2.77
CA GLY A 311 4.58 -22.26 -2.76
C GLY A 311 3.87 -23.18 -1.76
C GLY A 311 3.94 -23.16 -1.72
N PHE A 312 2.67 -23.64 -2.12
N PHE A 312 3.02 -24.03 -2.16
CA PHE A 312 1.94 -24.62 -1.27
CA PHE A 312 2.29 -24.94 -1.24
C PHE A 312 2.77 -25.89 -1.21
C PHE A 312 3.13 -26.19 -0.99
N PRO A 313 2.66 -26.71 -0.14
N PRO A 313 2.85 -26.93 0.11
CA PRO A 313 1.75 -26.45 0.97
CA PRO A 313 1.79 -26.55 1.05
C PRO A 313 2.20 -25.45 2.06
C PRO A 313 2.20 -25.52 2.11
N GLU A 314 3.51 -25.22 2.22
CA GLU A 314 4.00 -24.35 3.32
C GLU A 314 3.43 -22.93 3.21
N ALA A 315 3.14 -22.44 2.01
CA ALA A 315 2.60 -21.07 1.85
C ALA A 315 1.31 -20.89 2.67
N ARG A 316 0.57 -21.96 2.96
CA ARG A 316 -0.70 -21.81 3.74
C ARG A 316 -0.40 -21.21 5.12
N ILE A 317 0.78 -21.50 5.68
CA ILE A 317 1.13 -21.03 7.05
C ILE A 317 1.35 -19.52 7.03
N LEU A 318 2.04 -19.05 5.99
CA LEU A 318 2.27 -17.59 5.81
C LEU A 318 0.92 -16.88 5.61
N ILE A 319 0.09 -17.44 4.75
CA ILE A 319 -1.25 -16.85 4.46
C ILE A 319 -2.10 -16.82 5.74
N ALA A 320 -2.03 -17.86 6.58
CA ALA A 320 -2.82 -17.87 7.84
C ALA A 320 -2.51 -16.65 8.69
N ASN A 321 -1.22 -16.34 8.83
CA ASN A 321 -0.81 -15.15 9.62
C ASN A 321 -1.44 -13.89 9.03
N VAL A 322 -1.41 -13.75 7.71
CA VAL A 322 -1.98 -12.55 7.03
C VAL A 322 -3.48 -12.46 7.31
N VAL A 323 -4.21 -13.55 7.11
CA VAL A 323 -5.69 -13.47 7.20
C VAL A 323 -6.11 -13.15 8.63
N ILE A 324 -5.46 -13.73 9.62
CA ILE A 324 -5.84 -13.42 11.03
C ILE A 324 -5.49 -11.95 11.33
N ASP A 325 -4.32 -11.50 10.88
CA ASP A 325 -3.90 -10.09 11.08
C ASP A 325 -4.95 -9.15 10.48
N LEU A 326 -5.33 -9.39 9.23
CA LEU A 326 -6.28 -8.45 8.58
C LEU A 326 -7.67 -8.54 9.23
N ALA A 327 -8.15 -9.76 9.49
CA ALA A 327 -9.51 -9.88 10.08
C ALA A 327 -9.60 -9.17 11.42
N LEU A 328 -8.55 -9.24 12.25
CA LEU A 328 -8.62 -8.63 13.60
C LEU A 328 -7.89 -7.28 13.65
N SER A 329 -7.64 -6.67 12.51
CA SER A 329 -7.01 -5.32 12.48
C SER A 329 -8.03 -4.21 12.61
N PRO A 330 -7.69 -3.06 13.22
N PRO A 330 -7.64 -3.04 13.15
CA PRO A 330 -8.51 -1.85 13.04
CA PRO A 330 -8.42 -1.82 12.96
C PRO A 330 -8.54 -1.54 11.54
C PRO A 330 -8.68 -1.59 11.46
N LYS A 331 -9.64 -0.92 11.09
N LYS A 331 -9.85 -1.04 11.13
CA LYS A 331 -9.88 -0.76 9.64
CA LYS A 331 -10.26 -0.89 9.71
C LYS A 331 -10.45 0.62 9.30
C LYS A 331 -10.42 0.59 9.33
N SER A 332 -9.98 1.18 8.19
N SER A 332 -10.07 0.91 8.08
CA SER A 332 -10.53 2.44 7.63
CA SER A 332 -10.28 2.27 7.50
C SER A 332 -10.33 2.44 6.12
C SER A 332 -10.43 2.14 5.99
N ASN A 333 -11.39 2.67 5.36
N ASN A 333 -11.42 2.83 5.45
CA ASN A 333 -11.24 2.76 3.88
CA ASN A 333 -11.64 2.92 3.97
C ASN A 333 -11.04 4.24 3.47
C ASN A 333 -11.26 4.34 3.53
N SER A 334 -10.58 5.11 4.37
N SER A 334 -10.67 5.14 4.42
CA SER A 334 -10.54 6.56 4.04
CA SER A 334 -10.43 6.59 4.17
C SER A 334 -9.56 6.85 2.90
C SER A 334 -9.56 6.83 2.92
N ALA A 335 -8.47 6.10 2.77
CA ALA A 335 -7.54 6.35 1.64
C ALA A 335 -8.25 6.10 0.30
N TYR A 336 -8.98 4.99 0.20
CA TYR A 336 -9.76 4.65 -1.00
C TYR A 336 -10.73 5.78 -1.35
N VAL A 337 -11.49 6.21 -0.34
CA VAL A 337 -12.51 7.27 -0.57
C VAL A 337 -11.84 8.58 -1.00
N ALA A 338 -10.75 8.94 -0.34
CA ALA A 338 -10.09 10.23 -0.66
C ALA A 338 -9.50 10.24 -2.06
N ASP A 340 -10.56 8.50 -4.75
CA ASP A 340 -11.63 8.58 -5.74
C ASP A 340 -12.27 9.98 -5.71
N LYS A 341 -12.33 10.63 -4.55
N LYS A 341 -12.29 10.63 -4.55
CA LYS A 341 -12.82 12.03 -4.50
CA LYS A 341 -12.81 12.03 -4.44
C LYS A 341 -11.87 12.94 -5.30
C LYS A 341 -11.89 12.97 -5.22
N ALA A 342 -10.56 12.78 -5.12
CA ALA A 342 -9.60 13.65 -5.83
C ALA A 342 -9.75 13.43 -7.35
N LEU A 343 -9.95 12.19 -7.80
CA LEU A 343 -10.15 11.93 -9.24
C LEU A 343 -11.47 12.57 -9.72
N ALA A 344 -12.53 12.45 -8.92
CA ALA A 344 -13.84 13.02 -9.32
C ALA A 344 -13.78 14.56 -9.38
N ASP A 345 -12.90 15.17 -8.57
CA ASP A 345 -12.82 16.65 -8.46
C ASP A 345 -12.05 17.27 -9.63
N LEU A 346 -11.35 16.49 -10.45
CA LEU A 346 -10.55 17.09 -11.55
C LEU A 346 -11.47 17.75 -12.58
N LYS A 347 -11.03 18.87 -13.15
CA LYS A 347 -11.84 19.61 -14.15
C LYS A 347 -11.87 18.81 -15.47
N THR A 348 -13.03 18.77 -16.12
CA THR A 348 -13.31 17.95 -17.32
C THR A 348 -13.88 18.84 -18.43
N ASP B 244 4.98 21.97 -13.86
CA ASP B 244 5.70 20.83 -13.21
C ASP B 244 4.81 20.23 -12.12
N VAL B 245 4.00 19.24 -12.49
CA VAL B 245 3.02 18.65 -11.55
C VAL B 245 3.75 17.83 -10.47
N LEU B 246 4.85 17.16 -10.82
CA LEU B 246 5.63 16.41 -9.78
C LEU B 246 6.16 17.39 -8.72
N SER B 247 6.62 18.58 -9.14
N SER B 247 6.63 18.56 -9.17
CA SER B 247 7.14 19.55 -8.14
CA SER B 247 7.13 19.61 -8.23
C SER B 247 5.99 20.14 -7.31
C SER B 247 5.99 20.08 -7.32
N ALA B 248 4.80 20.27 -7.90
CA ALA B 248 3.61 20.72 -7.14
C ALA B 248 3.24 19.67 -6.08
N LEU B 249 3.33 18.39 -6.45
CA LEU B 249 3.06 17.30 -5.47
C LEU B 249 4.08 17.37 -4.33
N GLN B 250 5.36 17.56 -4.67
CA GLN B 250 6.39 17.64 -3.60
C GLN B 250 6.10 18.84 -2.69
N LYS B 251 5.76 19.99 -3.27
CA LYS B 251 5.47 21.19 -2.44
C LYS B 251 4.27 20.93 -1.52
N SER B 252 3.23 20.27 -2.04
N SER B 252 3.22 20.28 -2.03
CA SER B 252 2.00 19.99 -1.25
CA SER B 252 2.01 20.04 -1.20
C SER B 252 2.32 19.03 -0.10
C SER B 252 2.32 19.03 -0.08
N ILE B 253 3.15 18.02 -0.36
CA ILE B 253 3.52 17.05 0.71
C ILE B 253 4.38 17.77 1.75
N ARG B 254 5.35 18.58 1.29
CA ARG B 254 6.21 19.35 2.23
C ARG B 254 5.35 20.24 3.12
N GLY B 255 4.26 20.78 2.57
CA GLY B 255 3.34 21.68 3.31
C GLY B 255 2.31 20.92 4.13
N SER B 256 2.37 19.59 4.12
CA SER B 256 1.44 18.73 4.89
C SER B 256 -0.01 19.01 4.47
N ASP B 257 -0.21 19.20 3.16
CA ASP B 257 -1.56 19.54 2.61
C ASP B 257 -2.12 18.28 1.93
N VAL B 258 -2.95 17.53 2.66
CA VAL B 258 -3.46 16.22 2.14
C VAL B 258 -4.31 16.43 0.87
N ASP B 259 -5.25 17.37 0.92
CA ASP B 259 -6.17 17.54 -0.23
C ASP B 259 -5.39 17.96 -1.48
N ALA B 260 -4.44 18.89 -1.35
CA ALA B 260 -3.69 19.32 -2.55
C ALA B 260 -2.79 18.19 -3.03
N SER B 261 -2.19 17.45 -2.08
CA SER B 261 -1.30 16.35 -2.48
C SER B 261 -2.10 15.32 -3.30
N LEU B 262 -3.32 14.99 -2.85
CA LEU B 262 -4.12 13.98 -3.59
C LEU B 262 -4.61 14.56 -4.93
N HIS B 263 -4.88 15.87 -4.99
CA HIS B 263 -5.25 16.52 -6.27
C HIS B 263 -4.12 16.32 -7.30
N TYR B 264 -2.88 16.64 -6.93
CA TYR B 264 -1.78 16.52 -7.91
C TYR B 264 -1.53 15.04 -8.22
N THR B 265 -1.71 14.18 -7.21
CA THR B 265 -1.57 12.72 -7.45
C THR B 265 -2.60 12.26 -8.48
N ALA B 266 -3.85 12.71 -8.35
CA ALA B 266 -4.89 12.31 -9.29
C ALA B 266 -4.51 12.76 -10.71
N ARG B 267 -4.02 13.99 -10.86
CA ARG B 267 -3.57 14.46 -12.19
C ARG B 267 -2.45 13.56 -12.71
N LEU B 268 -1.50 13.17 -11.86
CA LEU B 268 -0.35 12.35 -12.32
C LEU B 268 -0.83 10.92 -12.66
N ILE B 269 -1.79 10.39 -11.92
CA ILE B 269 -2.32 9.05 -12.28
C ILE B 269 -2.95 9.12 -13.67
N GLU B 270 -3.72 10.17 -13.94
CA GLU B 270 -4.38 10.27 -15.26
C GLU B 270 -3.34 10.49 -16.37
N ALA B 271 -2.27 11.25 -16.09
CA ALA B 271 -1.22 11.50 -17.10
C ALA B 271 -0.51 10.18 -17.46
N GLY B 272 -0.46 9.22 -16.54
CA GLY B 272 -0.13 7.82 -16.90
C GLY B 272 1.32 7.39 -16.76
N ASP B 273 2.18 8.14 -16.07
CA ASP B 273 3.60 7.67 -15.92
C ASP B 273 3.82 7.17 -14.48
N LEU B 274 3.46 5.91 -14.21
CA LEU B 274 3.59 5.41 -12.81
C LEU B 274 5.05 5.34 -12.39
N PRO B 275 6.01 4.89 -13.24
CA PRO B 275 7.41 4.86 -12.79
C PRO B 275 7.90 6.23 -12.28
N SER B 276 7.58 7.32 -12.97
CA SER B 276 8.11 8.64 -12.53
C SER B 276 7.41 9.09 -11.25
N LEU B 277 6.11 8.78 -11.11
CA LEU B 277 5.38 9.14 -9.87
C LEU B 277 5.97 8.35 -8.69
N ALA B 278 6.20 7.05 -8.89
CA ALA B 278 6.75 6.21 -7.81
C ALA B 278 8.15 6.67 -7.43
N ARG B 279 8.98 6.98 -8.42
N ARG B 279 8.94 7.08 -8.42
CA ARG B 279 10.37 7.42 -8.12
CA ARG B 279 10.32 7.53 -8.13
C ARG B 279 10.32 8.67 -7.26
C ARG B 279 10.25 8.86 -7.35
N ARG B 280 9.51 9.65 -7.68
N ARG B 280 9.34 9.76 -7.73
CA ARG B 280 9.44 10.95 -6.96
CA ARG B 280 9.32 11.06 -7.02
C ARG B 280 8.91 10.74 -5.54
C ARG B 280 8.81 10.85 -5.59
N LEU B 281 7.82 9.98 -5.37
CA LEU B 281 7.30 9.74 -4.01
C LEU B 281 8.36 9.05 -3.14
N THR B 282 9.16 8.16 -3.72
CA THR B 282 10.23 7.49 -2.96
C THR B 282 11.26 8.55 -2.51
N VAL B 283 11.67 9.40 -3.44
CA VAL B 283 12.65 10.45 -3.07
C VAL B 283 12.05 11.36 -1.99
N ILE B 284 10.80 11.81 -2.16
CA ILE B 284 10.14 12.66 -1.13
C ILE B 284 10.19 11.98 0.24
N ALA B 285 9.89 10.69 0.29
CA ALA B 285 9.87 9.99 1.60
C ALA B 285 11.23 10.12 2.32
N TYR B 286 12.33 10.03 1.57
CA TYR B 286 13.68 10.08 2.20
C TYR B 286 14.20 11.53 2.33
N GLU B 287 13.76 12.43 1.46
CA GLU B 287 14.27 13.82 1.43
C GLU B 287 13.50 14.71 2.41
N ASP B 288 12.17 14.63 2.38
CA ASP B 288 11.32 15.61 3.10
C ASP B 288 10.79 15.05 4.41
N ILE B 289 10.66 13.73 4.52
CA ILE B 289 10.22 13.10 5.79
C ILE B 289 11.48 12.60 6.50
N GLY B 290 12.26 11.74 5.84
CA GLY B 290 13.57 11.31 6.37
C GLY B 290 13.52 10.84 7.81
N LEU B 291 14.48 11.34 8.59
CA LEU B 291 14.68 10.84 9.97
C LEU B 291 13.53 11.22 10.90
N ALA B 292 12.63 12.12 10.48
CA ALA B 292 11.48 12.49 11.33
C ALA B 292 10.52 11.31 11.48
N ASN B 293 10.52 10.38 10.53
CA ASN B 293 9.55 9.26 10.58
C ASN B 293 10.04 8.15 9.66
N PRO B 294 11.04 7.37 10.11
CA PRO B 294 11.62 6.33 9.25
C PRO B 294 10.59 5.30 8.75
N GLU B 295 9.57 5.02 9.56
N GLU B 295 9.55 5.02 9.55
CA GLU B 295 8.52 4.06 9.16
CA GLU B 295 8.55 4.01 9.10
C GLU B 295 7.87 4.49 7.84
C GLU B 295 7.85 4.49 7.83
N ALA B 296 7.77 5.81 7.60
CA ALA B 296 7.14 6.29 6.35
C ALA B 296 7.92 5.77 5.14
N GLN B 297 9.24 5.63 5.25
CA GLN B 297 10.00 5.12 4.09
C GLN B 297 9.67 3.65 3.84
N ILE B 298 9.55 2.84 4.90
CA ILE B 298 9.17 1.41 4.71
C ILE B 298 7.78 1.36 4.06
N HIS B 299 6.83 2.14 4.57
CA HIS B 299 5.47 2.12 4.00
C HIS B 299 5.52 2.50 2.52
N THR B 300 6.30 3.53 2.19
CA THR B 300 6.31 4.08 0.83
C THR B 300 6.91 3.07 -0.15
N VAL B 301 8.10 2.57 0.16
CA VAL B 301 8.76 1.63 -0.78
C VAL B 301 7.91 0.36 -0.94
N THR B 302 7.37 -0.15 0.16
CA THR B 302 6.58 -1.40 0.09
C THR B 302 5.35 -1.20 -0.79
N ALA B 303 4.64 -0.09 -0.58
CA ALA B 303 3.38 0.15 -1.31
C ALA B 303 3.66 0.42 -2.79
N LEU B 304 4.72 1.18 -3.09
CA LEU B 304 4.93 1.57 -4.50
C LEU B 304 5.45 0.36 -5.30
N ASP B 305 6.28 -0.47 -4.70
CA ASP B 305 6.73 -1.69 -5.42
C ASP B 305 5.50 -2.57 -5.67
N ALA B 306 4.63 -2.71 -4.68
CA ALA B 306 3.41 -3.53 -4.87
C ALA B 306 2.48 -2.88 -5.90
N ALA B 307 2.39 -1.56 -5.92
CA ALA B 307 1.51 -0.85 -6.86
C ALA B 307 1.95 -1.11 -8.31
N GLN B 308 3.27 -1.10 -8.53
CA GLN B 308 3.77 -1.31 -9.91
C GLN B 308 3.46 -2.76 -10.34
N LYS B 309 3.53 -3.71 -9.40
N LYS B 309 3.37 -3.69 -9.39
CA LYS B 309 3.31 -5.16 -9.70
CA LYS B 309 3.07 -5.11 -9.74
C LYS B 309 1.84 -5.42 -10.04
C LYS B 309 1.57 -5.30 -9.99
N ILE B 310 0.93 -4.73 -9.34
N ILE B 310 0.70 -4.66 -9.18
CA ILE B 310 -0.54 -5.00 -9.43
CA ILE B 310 -0.76 -4.97 -9.35
C ILE B 310 -1.15 -4.21 -10.60
C ILE B 310 -1.36 -4.08 -10.44
N GLY B 311 -0.71 -2.97 -10.80
CA GLY B 311 -1.19 -2.08 -11.87
C GLY B 311 -2.52 -1.42 -11.55
N PHE B 312 -2.99 -0.59 -12.47
CA PHE B 312 -4.33 0.04 -12.34
C PHE B 312 -5.39 -0.98 -12.72
N PRO B 313 -6.62 -0.89 -12.16
CA PRO B 313 -7.04 0.22 -11.31
C PRO B 313 -6.60 0.22 -9.83
N GLU B 314 -6.25 -0.93 -9.28
CA GLU B 314 -6.07 -1.02 -7.80
C GLU B 314 -4.83 -0.25 -7.33
N ALA B 315 -3.85 -0.01 -8.21
CA ALA B 315 -2.64 0.74 -7.79
C ALA B 315 -3.03 2.10 -7.20
N ARG B 316 -4.12 2.70 -7.65
CA ARG B 316 -4.47 4.05 -7.12
C ARG B 316 -4.71 4.00 -5.60
N ILE B 317 -5.19 2.87 -5.09
CA ILE B 317 -5.50 2.73 -3.64
C ILE B 317 -4.18 2.68 -2.86
N LEU B 318 -3.22 1.91 -3.37
CA LEU B 318 -1.88 1.83 -2.71
C LEU B 318 -1.21 3.22 -2.73
N ILE B 319 -1.25 3.88 -3.89
CA ILE B 319 -0.65 5.24 -4.00
C ILE B 319 -1.33 6.19 -3.00
N ALA B 320 -2.65 6.10 -2.86
CA ALA B 320 -3.35 7.01 -1.93
C ALA B 320 -2.83 6.84 -0.50
N ASN B 321 -2.63 5.59 -0.08
CA ASN B 321 -2.09 5.36 1.28
C ASN B 321 -0.73 6.06 1.43
N VAL B 322 0.12 5.96 0.42
CA VAL B 322 1.47 6.59 0.47
C VAL B 322 1.33 8.12 0.58
N VAL B 323 0.53 8.70 -0.30
CA VAL B 323 0.49 10.19 -0.36
C VAL B 323 -0.08 10.74 0.95
N ILE B 324 -1.13 10.11 1.48
CA ILE B 324 -1.71 10.63 2.74
C ILE B 324 -0.69 10.46 3.88
N ASP B 325 -0.05 9.32 3.95
CA ASP B 325 1.00 9.07 4.98
C ASP B 325 2.07 10.17 4.92
N LEU B 326 2.61 10.42 3.73
CA LEU B 326 3.71 11.42 3.61
C LEU B 326 3.19 12.83 3.92
N ALA B 327 2.00 13.19 3.45
CA ALA B 327 1.48 14.54 3.73
C ALA B 327 1.26 14.73 5.25
N LEU B 328 0.77 13.71 5.94
CA LEU B 328 0.48 13.89 7.39
C LEU B 328 1.74 13.73 8.25
N SER B 329 2.79 13.12 7.70
CA SER B 329 3.97 12.73 8.52
C SER B 329 4.70 13.94 9.08
N PRO B 330 5.33 13.81 10.27
CA PRO B 330 6.36 14.76 10.67
C PRO B 330 7.43 14.87 9.57
N LYS B 331 8.03 16.05 9.46
N LYS B 331 8.08 16.03 9.47
CA LYS B 331 8.90 16.45 8.33
CA LYS B 331 9.05 16.30 8.38
C LYS B 331 10.32 16.75 8.79
C LYS B 331 10.42 16.65 8.95
N SER B 332 11.30 16.21 8.06
N SER B 332 11.45 16.48 8.13
CA SER B 332 12.74 16.50 8.29
CA SER B 332 12.84 16.95 8.43
C SER B 332 13.51 16.53 6.96
C SER B 332 13.74 16.59 7.26
N ASN B 333 14.39 17.51 6.81
N ASN B 333 14.41 17.59 6.68
CA ASN B 333 15.34 17.53 5.67
CA ASN B 333 15.36 17.26 5.59
C ASN B 333 16.77 17.29 6.20
C ASN B 333 16.78 17.16 6.15
N SER B 334 16.93 16.83 7.44
CA SER B 334 18.28 16.79 8.07
C SER B 334 19.23 15.80 7.38
N ALA B 335 18.74 14.62 6.97
CA ALA B 335 19.64 13.65 6.31
C ALA B 335 20.09 14.21 4.95
N TYR B 336 19.15 14.77 4.19
N TYR B 336 19.15 14.80 4.22
CA TYR B 336 19.47 15.37 2.87
CA TYR B 336 19.37 15.39 2.88
C TYR B 336 20.55 16.44 3.02
C TYR B 336 20.45 16.48 2.97
N VAL B 337 20.33 17.37 3.95
CA VAL B 337 21.30 18.48 4.19
C VAL B 337 22.67 17.91 4.58
N ALA B 338 22.69 16.95 5.50
CA ALA B 338 23.98 16.43 6.00
C ALA B 338 24.79 15.81 4.86
N ASP B 340 24.56 16.50 1.50
CA ASP B 340 25.03 17.49 0.54
C ASP B 340 26.14 18.36 1.16
N LYS B 341 26.10 18.57 2.47
CA LYS B 341 27.21 19.26 3.18
C LYS B 341 28.48 18.41 3.04
N ALA B 342 28.36 17.11 3.28
CA ALA B 342 29.55 16.23 3.21
C ALA B 342 30.11 16.18 1.78
N LEU B 343 29.24 16.13 0.78
CA LEU B 343 29.70 16.10 -0.64
C LEU B 343 30.39 17.42 -1.00
N ALA B 344 29.84 18.54 -0.51
CA ALA B 344 30.46 19.86 -0.81
C ALA B 344 31.84 19.95 -0.14
N ASP B 345 32.00 19.34 1.03
CA ASP B 345 33.27 19.37 1.81
C ASP B 345 34.39 18.67 1.02
N LEU B 346 34.06 17.75 0.11
CA LEU B 346 35.12 17.05 -0.68
C LEU B 346 35.82 18.04 -1.63
N LYS B 347 35.12 19.11 -2.04
CA LYS B 347 35.65 20.10 -3.01
C LYS B 347 36.18 21.33 -2.25
#